data_1WCR
#
_entry.id   1WCR
#
_cell.length_a   1.000
_cell.length_b   1.000
_cell.length_c   1.000
_cell.angle_alpha   90.00
_cell.angle_beta   90.00
_cell.angle_gamma   90.00
#
_symmetry.space_group_name_H-M   'P 1'
#
_entity_poly.entity_id   1
_entity_poly.type   'polypeptide(L)'
_entity_poly.pdbx_seq_one_letter_code
;AEELEEVVMGLIINSGQARSLAYAALKQAKQGDFAAAKAMMDQSRMALNEAHLVQTKLIEGDAGEGKMKVSLVLVHAQLH
LMTSMLARELITELIELHEKLKA
;
_entity_poly.pdbx_strand_id   A,B,C
#
# COMPACT_ATOMS: atom_id res chain seq x y z
N ALA A 1 12.77 -14.18 16.11
CA ALA A 1 13.18 -14.96 17.30
C ALA A 1 11.94 -15.44 18.03
N GLU A 2 12.13 -16.27 19.07
CA GLU A 2 11.03 -16.82 19.85
C GLU A 2 9.77 -15.95 19.77
N GLU A 3 9.67 -15.01 20.70
CA GLU A 3 8.50 -14.13 20.74
C GLU A 3 8.40 -13.29 19.47
N LEU A 4 9.43 -12.49 19.21
CA LEU A 4 9.42 -11.60 18.05
C LEU A 4 8.90 -12.33 16.81
N GLU A 5 9.34 -13.58 16.61
CA GLU A 5 8.91 -14.36 15.45
C GLU A 5 7.45 -14.72 15.56
N GLU A 6 7.06 -15.19 16.74
CA GLU A 6 5.67 -15.58 17.00
C GLU A 6 4.79 -14.32 17.02
N VAL A 7 5.35 -13.23 17.52
CA VAL A 7 4.61 -11.96 17.58
C VAL A 7 4.31 -11.46 16.17
N VAL A 8 5.28 -11.59 15.27
CA VAL A 8 5.11 -11.17 13.89
C VAL A 8 3.97 -11.96 13.25
N MET A 9 3.95 -13.26 13.48
CA MET A 9 2.90 -14.10 12.93
C MET A 9 1.54 -13.59 13.38
N GLY A 10 1.45 -13.23 14.66
CA GLY A 10 0.22 -12.69 15.21
C GLY A 10 -0.13 -11.37 14.53
N LEU A 11 0.88 -10.52 14.34
CA LEU A 11 0.67 -9.23 13.69
C LEU A 11 0.23 -9.43 12.24
N ILE A 12 0.88 -10.36 11.54
CA ILE A 12 0.52 -10.63 10.16
C ILE A 12 -0.91 -11.15 10.08
N ILE A 13 -1.25 -12.06 10.97
CA ILE A 13 -2.60 -12.59 11.01
C ILE A 13 -3.59 -11.49 11.36
N ASN A 14 -3.24 -10.68 12.36
CA ASN A 14 -4.10 -9.59 12.79
C ASN A 14 -4.31 -8.61 11.63
N SER A 15 -3.21 -8.25 10.96
CA SER A 15 -3.29 -7.33 9.83
C SER A 15 -4.18 -7.93 8.74
N GLY A 16 -4.00 -9.22 8.49
CA GLY A 16 -4.81 -9.90 7.48
C GLY A 16 -6.28 -9.90 7.87
N GLN A 17 -6.55 -10.17 9.16
CA GLN A 17 -7.93 -10.17 9.63
C GLN A 17 -8.52 -8.78 9.50
N ALA A 18 -7.71 -7.77 9.80
CA ALA A 18 -8.16 -6.39 9.69
C ALA A 18 -8.63 -6.11 8.27
N ARG A 19 -7.80 -6.46 7.30
CA ARG A 19 -8.17 -6.25 5.90
C ARG A 19 -9.44 -7.05 5.59
N SER A 20 -9.47 -8.30 6.02
CA SER A 20 -10.62 -9.15 5.77
C SER A 20 -11.90 -8.48 6.26
N LEU A 21 -11.85 -7.96 7.49
CA LEU A 21 -13.01 -7.29 8.07
C LEU A 21 -13.36 -6.06 7.23
N ALA A 22 -12.33 -5.31 6.83
CA ALA A 22 -12.54 -4.11 6.02
C ALA A 22 -13.25 -4.45 4.71
N TYR A 23 -12.75 -5.44 3.98
CA TYR A 23 -13.40 -5.84 2.73
C TYR A 23 -14.84 -6.27 3.01
N ALA A 24 -15.03 -7.01 4.10
CA ALA A 24 -16.36 -7.46 4.47
C ALA A 24 -17.26 -6.26 4.74
N ALA A 25 -16.69 -5.24 5.39
CA ALA A 25 -17.43 -4.02 5.69
C ALA A 25 -17.92 -3.39 4.39
N LEU A 26 -17.03 -3.35 3.40
CA LEU A 26 -17.37 -2.80 2.09
C LEU A 26 -18.51 -3.62 1.46
N LYS A 27 -18.41 -4.93 1.56
CA LYS A 27 -19.43 -5.81 1.00
C LYS A 27 -20.80 -5.47 1.59
N GLN A 28 -20.83 -5.22 2.90
CA GLN A 28 -22.07 -4.85 3.57
C GLN A 28 -22.65 -3.59 2.93
N ALA A 29 -21.77 -2.63 2.63
CA ALA A 29 -22.21 -1.38 2.02
C ALA A 29 -22.87 -1.65 0.68
N LYS A 30 -22.28 -2.56 -0.09
CA LYS A 30 -22.83 -2.90 -1.41
C LYS A 30 -24.24 -3.46 -1.25
N GLN A 31 -24.50 -4.15 -0.14
CA GLN A 31 -25.82 -4.71 0.10
C GLN A 31 -26.76 -3.63 0.64
N GLY A 32 -26.22 -2.42 0.83
CA GLY A 32 -27.01 -1.29 1.32
C GLY A 32 -27.11 -1.29 2.84
N ASP A 33 -26.20 -2.01 3.50
CA ASP A 33 -26.21 -2.07 4.97
C ASP A 33 -25.14 -1.15 5.57
N PHE A 34 -25.45 0.13 5.68
CA PHE A 34 -24.50 1.10 6.23
C PHE A 34 -24.22 0.84 7.70
N ALA A 35 -25.24 0.38 8.43
CA ALA A 35 -25.08 0.12 9.85
C ALA A 35 -24.02 -0.96 10.09
N ALA A 36 -24.13 -2.07 9.38
CA ALA A 36 -23.18 -3.16 9.54
C ALA A 36 -21.80 -2.73 9.03
N ALA A 37 -21.77 -1.95 7.97
CA ALA A 37 -20.50 -1.46 7.44
C ALA A 37 -19.77 -0.65 8.51
N LYS A 38 -20.48 0.31 9.11
CA LYS A 38 -19.90 1.14 10.16
C LYS A 38 -19.38 0.29 11.32
N ALA A 39 -20.18 -0.68 11.75
CA ALA A 39 -19.78 -1.54 12.86
C ALA A 39 -18.52 -2.31 12.51
N MET A 40 -18.47 -2.83 11.29
CA MET A 40 -17.32 -3.60 10.82
C MET A 40 -16.08 -2.69 10.73
N MET A 41 -16.26 -1.46 10.23
CA MET A 41 -15.14 -0.53 10.13
C MET A 41 -14.56 -0.21 11.50
N ASP A 42 -15.45 0.04 12.46
CA ASP A 42 -15.04 0.40 13.80
C ASP A 42 -14.18 -0.71 14.40
N GLN A 43 -14.66 -1.95 14.26
CA GLN A 43 -13.92 -3.10 14.77
C GLN A 43 -12.60 -3.26 14.02
N SER A 44 -12.62 -3.04 12.72
CA SER A 44 -11.41 -3.17 11.92
C SER A 44 -10.33 -2.22 12.46
N ARG A 45 -10.72 -0.99 12.73
CA ARG A 45 -9.78 0.02 13.23
C ARG A 45 -9.21 -0.40 14.58
N MET A 46 -10.06 -0.91 15.45
CA MET A 46 -9.63 -1.31 16.79
C MET A 46 -8.57 -2.40 16.68
N ALA A 47 -8.79 -3.33 15.76
CA ALA A 47 -7.84 -4.42 15.54
C ALA A 47 -6.50 -3.85 15.09
N LEU A 48 -6.54 -2.87 14.17
CA LEU A 48 -5.35 -2.23 13.67
C LEU A 48 -4.64 -1.43 14.77
N ASN A 49 -5.44 -0.73 15.56
CA ASN A 49 -4.91 0.12 16.62
C ASN A 49 -4.10 -0.72 17.61
N GLU A 50 -4.65 -1.87 17.97
CA GLU A 50 -3.97 -2.78 18.90
C GLU A 50 -2.71 -3.33 18.23
N ALA A 51 -2.82 -3.64 16.94
CA ALA A 51 -1.68 -4.14 16.19
C ALA A 51 -0.60 -3.07 16.09
N HIS A 52 -1.00 -1.84 15.77
CA HIS A 52 -0.07 -0.73 15.64
C HIS A 52 0.63 -0.47 16.98
N LEU A 53 -0.12 -0.57 18.07
CA LEU A 53 0.44 -0.34 19.39
C LEU A 53 1.55 -1.34 19.69
N VAL A 54 1.32 -2.60 19.33
CA VAL A 54 2.33 -3.63 19.53
C VAL A 54 3.56 -3.33 18.70
N GLN A 55 3.36 -2.94 17.44
CA GLN A 55 4.47 -2.63 16.57
C GLN A 55 5.26 -1.43 17.13
N THR A 56 4.56 -0.43 17.66
CA THR A 56 5.21 0.74 18.22
C THR A 56 6.18 0.33 19.33
N LYS A 57 5.72 -0.54 20.22
CA LYS A 57 6.58 -1.02 21.29
C LYS A 57 7.79 -1.71 20.71
N LEU A 58 7.56 -2.46 19.66
CA LEU A 58 8.65 -3.13 19.00
C LEU A 58 9.62 -2.07 18.47
N ILE A 59 9.16 -1.22 17.56
CA ILE A 59 10.01 -0.19 16.98
C ILE A 59 10.72 0.66 18.04
N GLU A 60 10.02 1.00 19.13
CA GLU A 60 10.63 1.83 20.16
C GLU A 60 11.54 1.00 21.08
N GLY A 61 11.04 -0.12 21.59
CA GLY A 61 11.81 -0.93 22.53
C GLY A 61 12.51 -2.12 21.88
N ASP A 62 12.41 -2.25 20.55
CA ASP A 62 13.07 -3.38 19.87
C ASP A 62 14.58 -3.28 19.98
N ALA A 63 15.16 -2.55 19.03
CA ALA A 63 16.60 -2.42 18.93
C ALA A 63 17.28 -2.60 20.28
N GLY A 64 17.94 -3.75 20.45
CA GLY A 64 18.63 -4.02 21.70
C GLY A 64 19.67 -2.95 21.96
N GLU A 65 20.52 -2.70 20.97
CA GLU A 65 21.55 -1.67 21.11
C GLU A 65 21.15 -0.36 20.41
N GLY A 66 21.54 0.75 21.03
CA GLY A 66 21.30 2.10 20.52
C GLY A 66 20.19 2.23 19.46
N LYS A 67 20.63 2.48 18.22
CA LYS A 67 19.75 2.78 17.09
C LYS A 67 18.29 2.37 17.30
N MET A 68 17.38 3.22 16.77
CA MET A 68 15.94 3.01 16.89
C MET A 68 15.34 2.42 15.60
N LYS A 69 16.04 2.66 14.49
CA LYS A 69 15.63 2.20 13.14
C LYS A 69 14.57 1.06 13.16
N VAL A 70 14.85 -0.06 12.50
CA VAL A 70 13.95 -1.21 12.46
C VAL A 70 14.79 -2.45 12.24
N SER A 71 14.16 -3.60 12.07
CA SER A 71 14.89 -4.83 11.82
C SER A 71 14.24 -5.57 10.67
N LEU A 72 14.97 -6.51 10.08
CA LEU A 72 14.41 -7.26 8.96
C LEU A 72 13.00 -7.72 9.34
N VAL A 73 12.89 -8.26 10.54
CA VAL A 73 11.63 -8.77 11.06
C VAL A 73 10.55 -7.66 11.17
N LEU A 74 10.92 -6.53 11.73
CA LEU A 74 9.96 -5.43 11.93
C LEU A 74 9.47 -4.89 10.61
N VAL A 75 10.37 -4.78 9.65
CA VAL A 75 10.00 -4.25 8.36
C VAL A 75 8.88 -5.11 7.79
N HIS A 76 9.04 -6.42 7.86
CA HIS A 76 8.01 -7.32 7.35
C HIS A 76 6.68 -7.04 8.03
N ALA A 77 6.69 -6.90 9.36
CA ALA A 77 5.48 -6.62 10.11
C ALA A 77 4.89 -5.26 9.71
N GLN A 78 5.77 -4.29 9.53
CA GLN A 78 5.34 -2.94 9.14
C GLN A 78 4.67 -2.99 7.77
N LEU A 79 5.23 -3.80 6.88
CA LEU A 79 4.69 -3.92 5.53
C LEU A 79 3.23 -4.37 5.58
N HIS A 80 2.95 -5.40 6.37
CA HIS A 80 1.58 -5.89 6.48
C HIS A 80 0.69 -4.86 7.16
N LEU A 81 1.17 -4.29 8.27
CA LEU A 81 0.38 -3.31 9.01
C LEU A 81 0.13 -2.05 8.17
N MET A 82 1.18 -1.56 7.50
CA MET A 82 1.05 -0.35 6.68
C MET A 82 0.06 -0.59 5.55
N THR A 83 0.17 -1.75 4.92
CA THR A 83 -0.73 -2.11 3.82
C THR A 83 -2.16 -2.22 4.32
N SER A 84 -2.34 -2.92 5.44
CA SER A 84 -3.66 -3.12 6.01
C SER A 84 -4.28 -1.78 6.43
N MET A 85 -3.52 -0.95 7.14
CA MET A 85 -4.05 0.33 7.60
C MET A 85 -4.47 1.18 6.41
N LEU A 86 -3.61 1.24 5.40
CA LEU A 86 -3.89 2.03 4.22
C LEU A 86 -5.13 1.50 3.51
N ALA A 87 -5.18 0.18 3.36
CA ALA A 87 -6.31 -0.47 2.71
C ALA A 87 -7.59 -0.10 3.44
N ARG A 88 -7.55 -0.26 4.74
CA ARG A 88 -8.70 0.02 5.57
C ARG A 88 -9.13 1.49 5.46
N GLU A 89 -8.17 2.41 5.49
CA GLU A 89 -8.51 3.84 5.36
C GLU A 89 -9.17 4.12 4.01
N LEU A 90 -8.59 3.57 2.95
CA LEU A 90 -9.13 3.78 1.60
C LEU A 90 -10.51 3.13 1.49
N ILE A 91 -10.64 1.93 2.04
CA ILE A 91 -11.91 1.24 2.03
C ILE A 91 -12.97 2.07 2.75
N THR A 92 -12.58 2.71 3.84
CA THR A 92 -13.49 3.60 4.56
C THR A 92 -14.01 4.69 3.63
N GLU A 93 -13.09 5.28 2.85
CA GLU A 93 -13.47 6.32 1.89
C GLU A 93 -14.43 5.74 0.86
N LEU A 94 -14.12 4.53 0.38
CA LEU A 94 -14.95 3.88 -0.62
C LEU A 94 -16.37 3.67 -0.07
N ILE A 95 -16.46 3.25 1.18
CA ILE A 95 -17.76 3.04 1.81
C ILE A 95 -18.55 4.34 1.89
N GLU A 96 -17.88 5.43 2.26
CA GLU A 96 -18.54 6.72 2.35
C GLU A 96 -19.13 7.10 0.99
N LEU A 97 -18.42 6.78 -0.08
CA LEU A 97 -18.90 7.07 -1.43
C LEU A 97 -20.20 6.31 -1.70
N HIS A 98 -20.25 5.06 -1.27
CA HIS A 98 -21.46 4.26 -1.47
C HIS A 98 -22.65 4.94 -0.79
N GLU A 99 -22.40 5.51 0.37
CA GLU A 99 -23.46 6.20 1.11
C GLU A 99 -23.94 7.42 0.33
N LYS A 100 -23.00 8.18 -0.25
CA LYS A 100 -23.35 9.35 -1.03
C LYS A 100 -24.15 8.96 -2.28
N LEU A 101 -23.81 7.82 -2.88
CA LEU A 101 -24.52 7.35 -4.06
C LEU A 101 -26.00 7.08 -3.76
N LYS A 102 -26.27 6.44 -2.62
CA LYS A 102 -27.64 6.14 -2.15
C LYS A 102 -27.64 4.83 -1.36
N ALA A 103 -27.99 3.75 -2.06
CA ALA A 103 -28.07 2.41 -1.47
C ALA A 103 -28.08 2.46 0.05
N ALA B 1 22.56 5.46 9.20
CA ALA B 1 23.82 6.16 9.56
C ALA B 1 23.57 7.66 9.59
N GLU B 2 24.58 8.43 10.00
CA GLU B 2 24.47 9.89 10.11
C GLU B 2 23.41 10.45 9.16
N GLU B 3 23.83 10.77 7.94
CA GLU B 3 22.90 11.34 6.96
C GLU B 3 21.80 10.36 6.62
N LEU B 4 22.18 9.19 6.11
CA LEU B 4 21.20 8.19 5.69
C LEU B 4 20.10 8.05 6.73
N GLU B 5 20.46 8.03 8.01
CA GLU B 5 19.48 7.87 9.08
C GLU B 5 18.61 9.13 9.19
N GLU B 6 19.27 10.28 9.16
CA GLU B 6 18.56 11.55 9.24
C GLU B 6 17.76 11.79 7.96
N VAL B 7 18.31 11.33 6.84
CA VAL B 7 17.64 11.46 5.54
C VAL B 7 16.35 10.65 5.53
N VAL B 8 16.40 9.44 6.09
CA VAL B 8 15.23 8.58 6.16
C VAL B 8 14.13 9.27 6.97
N MET B 9 14.50 9.87 8.10
CA MET B 9 13.53 10.56 8.93
C MET B 9 12.83 11.64 8.12
N GLY B 10 13.63 12.36 7.32
CA GLY B 10 13.07 13.40 6.46
C GLY B 10 12.13 12.79 5.43
N LEU B 11 12.55 11.68 4.84
CA LEU B 11 11.73 10.99 3.85
C LEU B 11 10.42 10.48 4.48
N ILE B 12 10.54 9.91 5.68
CA ILE B 12 9.36 9.40 6.37
C ILE B 12 8.40 10.55 6.68
N ILE B 13 8.96 11.65 7.16
CA ILE B 13 8.16 12.82 7.47
C ILE B 13 7.53 13.38 6.19
N ASN B 14 8.34 13.46 5.14
CA ASN B 14 7.87 13.98 3.86
C ASN B 14 6.74 13.08 3.33
N SER B 15 6.97 11.76 3.39
CA SER B 15 5.96 10.82 2.92
C SER B 15 4.67 11.00 3.73
N GLY B 16 4.82 11.15 5.04
CA GLY B 16 3.68 11.32 5.93
C GLY B 16 2.96 12.62 5.59
N GLN B 17 3.71 13.69 5.35
CA GLN B 17 3.11 14.97 5.00
C GLN B 17 2.37 14.84 3.67
N ALA B 18 2.97 14.10 2.74
CA ALA B 18 2.35 13.89 1.44
C ALA B 18 0.97 13.28 1.62
N ARG B 19 0.90 12.21 2.40
CA ARG B 19 -0.38 11.55 2.63
C ARG B 19 -1.33 12.53 3.31
N SER B 20 -0.83 13.23 4.33
CA SER B 20 -1.65 14.19 5.05
C SER B 20 -2.28 15.20 4.08
N LEU B 21 -1.47 15.74 3.18
CA LEU B 21 -1.96 16.69 2.20
C LEU B 21 -3.01 16.02 1.30
N ALA B 22 -2.72 14.79 0.88
CA ALA B 22 -3.64 14.05 0.02
C ALA B 22 -4.99 13.87 0.70
N TYR B 23 -5.00 13.38 1.94
CA TYR B 23 -6.26 13.22 2.67
C TYR B 23 -6.97 14.56 2.78
N ALA B 24 -6.21 15.62 3.06
CA ALA B 24 -6.79 16.95 3.17
C ALA B 24 -7.41 17.35 1.84
N ALA B 25 -6.73 17.01 0.75
CA ALA B 25 -7.24 17.31 -0.59
C ALA B 25 -8.60 16.65 -0.77
N LEU B 26 -8.69 15.40 -0.35
CA LEU B 26 -9.95 14.66 -0.45
C LEU B 26 -11.03 15.36 0.38
N LYS B 27 -10.68 15.78 1.58
CA LYS B 27 -11.63 16.46 2.46
C LYS B 27 -12.20 17.70 1.75
N GLN B 28 -11.34 18.42 1.05
CA GLN B 28 -11.78 19.61 0.31
C GLN B 28 -12.85 19.21 -0.71
N ALA B 29 -12.62 18.09 -1.39
CA ALA B 29 -13.56 17.60 -2.39
C ALA B 29 -14.91 17.33 -1.75
N LYS B 30 -14.90 16.75 -0.56
CA LYS B 30 -16.15 16.46 0.14
C LYS B 30 -16.92 17.74 0.42
N GLN B 31 -16.19 18.84 0.63
CA GLN B 31 -16.83 20.12 0.89
C GLN B 31 -17.28 20.77 -0.43
N GLY B 32 -16.97 20.09 -1.54
CA GLY B 32 -17.36 20.58 -2.86
C GLY B 32 -16.35 21.59 -3.41
N ASP B 33 -15.14 21.58 -2.86
CA ASP B 33 -14.10 22.51 -3.31
C ASP B 33 -13.10 21.80 -4.23
N PHE B 34 -13.44 21.66 -5.50
CA PHE B 34 -12.57 20.99 -6.46
C PHE B 34 -11.29 21.78 -6.71
N ALA B 35 -11.39 23.10 -6.66
CA ALA B 35 -10.22 23.95 -6.91
C ALA B 35 -9.14 23.70 -5.85
N ALA B 36 -9.54 23.72 -4.58
CA ALA B 36 -8.59 23.50 -3.50
C ALA B 36 -8.07 22.06 -3.54
N ALA B 37 -8.95 21.12 -3.89
CA ALA B 37 -8.52 19.72 -3.97
C ALA B 37 -7.41 19.59 -5.01
N LYS B 38 -7.64 20.15 -6.20
CA LYS B 38 -6.63 20.09 -7.27
C LYS B 38 -5.32 20.72 -6.82
N ALA B 39 -5.40 21.88 -6.17
CA ALA B 39 -4.19 22.55 -5.71
C ALA B 39 -3.44 21.70 -4.70
N MET B 40 -4.19 21.09 -3.79
CA MET B 40 -3.59 20.23 -2.77
C MET B 40 -2.96 18.99 -3.40
N MET B 41 -3.65 18.41 -4.39
CA MET B 41 -3.10 17.22 -5.07
C MET B 41 -1.80 17.54 -5.78
N ASP B 42 -1.77 18.69 -6.46
CA ASP B 42 -0.59 19.09 -7.20
C ASP B 42 0.60 19.22 -6.28
N GLN B 43 0.38 19.88 -5.14
CA GLN B 43 1.44 20.05 -4.16
C GLN B 43 1.86 18.71 -3.56
N SER B 44 0.87 17.85 -3.31
CA SER B 44 1.17 16.53 -2.76
C SER B 44 2.12 15.78 -3.68
N ARG B 45 1.83 15.81 -4.97
CA ARG B 45 2.66 15.11 -5.96
C ARG B 45 4.08 15.66 -5.97
N MET B 46 4.20 16.98 -5.91
CA MET B 46 5.51 17.62 -5.95
C MET B 46 6.35 17.16 -4.76
N ALA B 47 5.71 17.07 -3.60
CA ALA B 47 6.38 16.61 -2.39
C ALA B 47 6.88 15.18 -2.59
N LEU B 48 6.04 14.33 -3.18
CA LEU B 48 6.40 12.94 -3.43
C LEU B 48 7.50 12.85 -4.47
N ASN B 49 7.41 13.67 -5.50
CA ASN B 49 8.37 13.65 -6.59
C ASN B 49 9.78 13.96 -6.05
N GLU B 50 9.85 14.98 -5.19
CA GLU B 50 11.12 15.35 -4.58
C GLU B 50 11.61 14.23 -3.67
N ALA B 51 10.68 13.61 -2.94
CA ALA B 51 11.02 12.51 -2.06
C ALA B 51 11.51 11.31 -2.87
N HIS B 52 10.80 11.00 -3.95
CA HIS B 52 11.16 9.88 -4.81
C HIS B 52 12.53 10.10 -5.43
N LEU B 53 12.81 11.35 -5.82
CA LEU B 53 14.10 11.68 -6.43
C LEU B 53 15.24 11.40 -5.45
N VAL B 54 15.04 11.76 -4.19
CA VAL B 54 16.05 11.51 -3.17
C VAL B 54 16.25 10.02 -2.99
N GLN B 55 15.15 9.27 -2.94
CA GLN B 55 15.25 7.82 -2.78
C GLN B 55 15.99 7.21 -3.97
N THR B 56 15.71 7.70 -5.17
CA THR B 56 16.35 7.18 -6.38
C THR B 56 17.87 7.30 -6.26
N LYS B 57 18.34 8.47 -5.82
CA LYS B 57 19.77 8.68 -5.63
C LYS B 57 20.29 7.67 -4.64
N LEU B 58 19.52 7.45 -3.59
CA LEU B 58 19.92 6.50 -2.60
C LEU B 58 20.03 5.12 -3.26
N ILE B 59 18.93 4.62 -3.80
CA ILE B 59 18.92 3.30 -4.44
C ILE B 59 20.02 3.16 -5.51
N GLU B 60 20.25 4.20 -6.29
CA GLU B 60 21.26 4.13 -7.34
C GLU B 60 22.68 4.33 -6.78
N GLY B 61 22.88 5.36 -5.97
CA GLY B 61 24.20 5.67 -5.46
C GLY B 61 24.43 5.16 -4.03
N ASP B 62 23.47 4.45 -3.46
CA ASP B 62 23.62 3.94 -2.09
C ASP B 62 24.71 2.89 -2.01
N ALA B 63 24.31 1.65 -2.26
CA ALA B 63 25.21 0.51 -2.14
C ALA B 63 26.65 0.90 -2.43
N GLY B 64 27.44 1.03 -1.37
CA GLY B 64 28.84 1.38 -1.53
C GLY B 64 29.52 0.40 -2.45
N GLU B 65 29.41 -0.89 -2.14
CA GLU B 65 30.01 -1.92 -2.97
C GLU B 65 29.01 -2.46 -4.02
N GLY B 66 29.55 -2.78 -5.19
CA GLY B 66 28.79 -3.34 -6.31
C GLY B 66 27.26 -3.25 -6.20
N LYS B 67 26.65 -4.41 -5.94
CA LYS B 67 25.19 -4.58 -5.93
C LYS B 67 24.39 -3.27 -5.84
N MET B 68 23.25 -3.25 -6.55
CA MET B 68 22.36 -2.08 -6.60
C MET B 68 21.15 -2.26 -5.67
N LYS B 69 20.79 -3.52 -5.41
CA LYS B 69 19.63 -3.90 -4.56
C LYS B 69 19.12 -2.74 -3.66
N VAL B 70 19.04 -2.97 -2.35
CA VAL B 70 18.59 -1.96 -1.40
C VAL B 70 19.23 -2.27 -0.05
N SER B 71 18.86 -1.54 0.98
CA SER B 71 19.40 -1.81 2.30
C SER B 71 18.27 -1.81 3.32
N LEU B 72 18.52 -2.36 4.49
CA LEU B 72 17.48 -2.40 5.51
C LEU B 72 16.85 -1.01 5.61
N VAL B 73 17.70 -0.01 5.67
CA VAL B 73 17.29 1.37 5.79
C VAL B 73 16.44 1.84 4.60
N LEU B 74 16.90 1.54 3.38
CA LEU B 74 16.20 1.98 2.17
C LEU B 74 14.82 1.35 2.07
N VAL B 75 14.75 0.09 2.44
CA VAL B 75 13.49 -0.62 2.34
C VAL B 75 12.47 0.12 3.18
N HIS B 76 12.85 0.49 4.40
CA HIS B 76 11.94 1.21 5.28
C HIS B 76 11.45 2.49 4.60
N ALA B 77 12.38 3.24 4.00
CA ALA B 77 12.03 4.48 3.32
C ALA B 77 11.12 4.20 2.12
N GLN B 78 11.43 3.14 1.39
CA GLN B 78 10.65 2.76 0.23
C GLN B 78 9.21 2.43 0.67
N LEU B 79 9.10 1.73 1.80
CA LEU B 79 7.79 1.35 2.32
C LEU B 79 6.90 2.57 2.52
N HIS B 80 7.45 3.60 3.17
CA HIS B 80 6.67 4.81 3.40
C HIS B 80 6.36 5.52 2.08
N LEU B 81 7.38 5.66 1.24
CA LEU B 81 7.20 6.35 -0.04
C LEU B 81 6.23 5.60 -0.94
N MET B 82 6.38 4.27 -1.03
CA MET B 82 5.51 3.46 -1.87
C MET B 82 4.07 3.56 -1.39
N THR B 83 3.89 3.46 -0.08
CA THR B 83 2.57 3.56 0.51
C THR B 83 1.95 4.94 0.26
N SER B 84 2.75 5.98 0.50
CA SER B 84 2.27 7.34 0.29
C SER B 84 1.92 7.59 -1.16
N MET B 85 2.80 7.22 -2.09
CA MET B 85 2.55 7.44 -3.51
C MET B 85 1.28 6.73 -3.94
N LEU B 86 1.14 5.48 -3.53
CA LEU B 86 -0.03 4.69 -3.88
C LEU B 86 -1.28 5.33 -3.30
N ALA B 87 -1.20 5.71 -2.04
CA ALA B 87 -2.33 6.34 -1.36
C ALA B 87 -2.76 7.58 -2.11
N ARG B 88 -1.77 8.40 -2.43
CA ARG B 88 -2.02 9.64 -3.13
C ARG B 88 -2.64 9.38 -4.51
N GLU B 89 -2.12 8.41 -5.25
CA GLU B 89 -2.69 8.10 -6.57
C GLU B 89 -4.14 7.65 -6.44
N LEU B 90 -4.41 6.76 -5.49
CA LEU B 90 -5.77 6.26 -5.29
C LEU B 90 -6.68 7.39 -4.83
N ILE B 91 -6.17 8.22 -3.93
CA ILE B 91 -6.93 9.36 -3.44
C ILE B 91 -7.30 10.28 -4.62
N THR B 92 -6.36 10.45 -5.54
CA THR B 92 -6.63 11.25 -6.73
C THR B 92 -7.83 10.68 -7.48
N GLU B 93 -7.86 9.36 -7.64
CA GLU B 93 -8.96 8.69 -8.32
C GLU B 93 -10.26 8.95 -7.55
N LEU B 94 -10.18 8.84 -6.22
CA LEU B 94 -11.35 9.03 -5.37
C LEU B 94 -11.90 10.45 -5.56
N ILE B 95 -11.00 11.43 -5.63
CA ILE B 95 -11.42 12.81 -5.81
C ILE B 95 -12.11 12.99 -7.15
N GLU B 96 -11.57 12.37 -8.20
CA GLU B 96 -12.19 12.47 -9.52
C GLU B 96 -13.63 11.93 -9.47
N LEU B 97 -13.84 10.87 -8.71
CA LEU B 97 -15.17 10.29 -8.58
C LEU B 97 -16.13 11.31 -7.95
N HIS B 98 -15.65 12.02 -6.94
CA HIS B 98 -16.48 13.03 -6.29
C HIS B 98 -16.93 14.08 -7.31
N GLU B 99 -16.02 14.42 -8.22
CA GLU B 99 -16.35 15.40 -9.25
C GLU B 99 -17.44 14.87 -10.18
N LYS B 100 -17.34 13.59 -10.54
CA LYS B 100 -18.33 12.96 -11.41
C LYS B 100 -19.69 12.89 -10.71
N LEU B 101 -19.67 12.66 -9.39
CA LEU B 101 -20.90 12.59 -8.62
C LEU B 101 -21.67 13.92 -8.67
N LYS B 102 -20.94 15.04 -8.57
CA LYS B 102 -21.52 16.41 -8.64
C LYS B 102 -20.76 17.33 -7.69
N ALA B 103 -21.35 17.55 -6.51
CA ALA B 103 -20.77 18.43 -5.48
C ALA B 103 -19.67 19.32 -6.05
N ALA C 1 21.04 -12.34 -5.28
CA ALA C 1 22.05 -13.26 -5.89
C ALA C 1 21.64 -13.57 -7.33
N GLU C 2 22.50 -14.29 -8.05
CA GLU C 2 22.24 -14.63 -9.45
C GLU C 2 20.76 -14.64 -9.79
N GLU C 3 20.13 -15.80 -9.60
CA GLU C 3 18.71 -15.93 -9.91
C GLU C 3 17.87 -15.02 -9.02
N LEU C 4 17.97 -15.22 -7.71
CA LEU C 4 17.16 -14.44 -6.77
C LEU C 4 17.16 -12.96 -7.15
N GLU C 5 18.33 -12.44 -7.53
CA GLU C 5 18.45 -11.02 -7.89
C GLU C 5 17.71 -10.75 -9.20
N GLU C 6 17.95 -11.62 -10.17
CA GLU C 6 17.30 -11.49 -11.48
C GLU C 6 15.81 -11.79 -11.35
N VAL C 7 15.47 -12.71 -10.46
CA VAL C 7 14.08 -13.06 -10.22
C VAL C 7 13.31 -11.87 -9.63
N VAL C 8 13.95 -11.17 -8.72
CA VAL C 8 13.34 -10.00 -8.09
C VAL C 8 13.05 -8.94 -9.15
N MET C 9 14.00 -8.72 -10.05
CA MET C 9 13.80 -7.75 -11.12
C MET C 9 12.57 -8.12 -11.93
N GLY C 10 12.42 -9.41 -12.22
CA GLY C 10 11.27 -9.88 -12.95
C GLY C 10 9.99 -9.63 -12.15
N LEU C 11 10.05 -9.92 -10.85
CA LEU C 11 8.90 -9.71 -9.97
C LEU C 11 8.54 -8.23 -9.90
N ILE C 12 9.56 -7.38 -9.77
CA ILE C 12 9.32 -5.95 -9.70
C ILE C 12 8.70 -5.46 -11.01
N ILE C 13 9.24 -5.92 -12.12
CA ILE C 13 8.70 -5.55 -13.42
C ILE C 13 7.28 -6.07 -13.58
N ASN C 14 7.08 -7.33 -13.17
CA ASN C 14 5.76 -7.94 -13.26
C ASN C 14 4.77 -7.17 -12.40
N SER C 15 5.17 -6.85 -11.17
CA SER C 15 4.31 -6.10 -10.27
C SER C 15 3.98 -4.73 -10.89
N GLY C 16 5.00 -4.09 -11.46
CA GLY C 16 4.79 -2.79 -12.10
C GLY C 16 3.85 -2.91 -13.28
N GLN C 17 4.02 -3.96 -14.08
CA GLN C 17 3.14 -4.17 -15.23
C GLN C 17 1.72 -4.41 -14.75
N ALA C 18 1.60 -5.16 -13.66
CA ALA C 18 0.28 -5.45 -13.09
C ALA C 18 -0.44 -4.15 -12.77
N ARG C 19 0.25 -3.27 -12.05
CA ARG C 19 -0.33 -1.99 -11.69
C ARG C 19 -0.68 -1.21 -12.96
N SER C 20 0.26 -1.19 -13.90
CA SER C 20 0.05 -0.48 -15.15
C SER C 20 -1.24 -0.95 -15.82
N LEU C 21 -1.43 -2.26 -15.90
CA LEU C 21 -2.62 -2.82 -16.51
C LEU C 21 -3.86 -2.42 -15.71
N ALA C 22 -3.75 -2.45 -14.39
CA ALA C 22 -4.85 -2.08 -13.51
C ALA C 22 -5.28 -0.62 -13.76
N TYR C 23 -4.31 0.29 -13.75
CA TYR C 23 -4.63 1.70 -14.03
C TYR C 23 -5.27 1.82 -15.40
N ALA C 24 -4.73 1.10 -16.38
CA ALA C 24 -5.28 1.14 -17.73
C ALA C 24 -6.72 0.63 -17.72
N ALA C 25 -6.96 -0.41 -16.93
CA ALA C 25 -8.31 -0.96 -16.81
C ALA C 25 -9.26 0.11 -16.31
N LEU C 26 -8.81 0.86 -15.31
CA LEU C 26 -9.62 1.95 -14.76
C LEU C 26 -9.90 2.99 -15.84
N LYS C 27 -8.87 3.33 -16.61
CA LYS C 27 -9.02 4.32 -17.67
C LYS C 27 -10.11 3.89 -18.65
N GLN C 28 -10.15 2.60 -18.96
CA GLN C 28 -11.18 2.07 -19.86
C GLN C 28 -12.56 2.34 -19.27
N ALA C 29 -12.69 2.13 -17.96
CA ALA C 29 -13.96 2.35 -17.28
C ALA C 29 -14.40 3.81 -17.44
N LYS C 30 -13.45 4.73 -17.31
CA LYS C 30 -13.76 6.14 -17.45
C LYS C 30 -14.30 6.43 -18.85
N GLN C 31 -13.84 5.67 -19.84
CA GLN C 31 -14.33 5.87 -21.20
C GLN C 31 -15.66 5.16 -21.39
N GLY C 32 -16.13 4.49 -20.34
CA GLY C 32 -17.42 3.79 -20.38
C GLY C 32 -17.28 2.40 -20.99
N ASP C 33 -16.05 1.88 -21.02
CA ASP C 33 -15.81 0.55 -21.58
C ASP C 33 -15.67 -0.49 -20.47
N PHE C 34 -16.79 -0.98 -19.94
CA PHE C 34 -16.75 -1.98 -18.85
C PHE C 34 -16.18 -3.30 -19.33
N ALA C 35 -16.44 -3.65 -20.59
CA ALA C 35 -15.95 -4.91 -21.14
C ALA C 35 -14.43 -4.96 -21.13
N ALA C 36 -13.81 -3.91 -21.66
CA ALA C 36 -12.36 -3.84 -21.69
C ALA C 36 -11.78 -3.76 -20.29
N ALA C 37 -12.46 -3.03 -19.41
CA ALA C 37 -12.01 -2.92 -18.03
C ALA C 37 -11.96 -4.31 -17.39
N LYS C 38 -13.05 -5.07 -17.52
CA LYS C 38 -13.10 -6.42 -16.96
C LYS C 38 -11.98 -7.30 -17.54
N ALA C 39 -11.78 -7.23 -18.85
CA ALA C 39 -10.74 -8.04 -19.47
C ALA C 39 -9.37 -7.67 -18.93
N MET C 40 -9.13 -6.37 -18.79
CA MET C 40 -7.85 -5.90 -18.28
C MET C 40 -7.65 -6.32 -16.82
N MET C 41 -8.72 -6.25 -16.01
CA MET C 41 -8.63 -6.65 -14.61
C MET C 41 -8.31 -8.13 -14.49
N ASP C 42 -8.95 -8.94 -15.30
CA ASP C 42 -8.76 -10.38 -15.26
C ASP C 42 -7.29 -10.71 -15.55
N GLN C 43 -6.75 -10.07 -16.58
CA GLN C 43 -5.36 -10.29 -16.94
C GLN C 43 -4.43 -9.77 -15.85
N SER C 44 -4.78 -8.62 -15.27
CA SER C 44 -3.96 -8.06 -14.21
C SER C 44 -3.83 -9.05 -13.06
N ARG C 45 -4.94 -9.65 -12.67
CA ARG C 45 -4.95 -10.60 -11.57
C ARG C 45 -4.08 -11.81 -11.89
N MET C 46 -4.19 -12.31 -13.11
CA MET C 46 -3.43 -13.48 -13.52
C MET C 46 -1.94 -13.21 -13.40
N ALA C 47 -1.53 -12.00 -13.80
CA ALA C 47 -0.15 -11.58 -13.72
C ALA C 47 0.31 -11.59 -12.26
N LEU C 48 -0.54 -11.06 -11.38
CA LEU C 48 -0.25 -11.02 -9.94
C LEU C 48 -0.20 -12.42 -9.36
N ASN C 49 -1.14 -13.26 -9.77
CA ASN C 49 -1.24 -14.62 -9.24
C ASN C 49 0.05 -15.38 -9.54
N GLU C 50 0.54 -15.25 -10.76
CA GLU C 50 1.78 -15.91 -11.15
C GLU C 50 2.95 -15.32 -10.36
N ALA C 51 2.93 -14.01 -10.17
CA ALA C 51 3.97 -13.34 -9.41
C ALA C 51 3.94 -13.78 -7.95
N HIS C 52 2.73 -13.82 -7.37
CA HIS C 52 2.56 -14.24 -5.98
C HIS C 52 3.03 -15.68 -5.79
N LEU C 53 2.73 -16.53 -6.78
CA LEU C 53 3.12 -17.94 -6.70
C LEU C 53 4.64 -18.06 -6.63
N VAL C 54 5.34 -17.28 -7.44
CA VAL C 54 6.80 -17.29 -7.44
C VAL C 54 7.32 -16.82 -6.08
N GLN C 55 6.73 -15.75 -5.55
CA GLN C 55 7.16 -15.24 -4.26
C GLN C 55 6.92 -16.30 -3.16
N THR C 56 5.78 -17.00 -3.24
CA THR C 56 5.47 -18.02 -2.24
C THR C 56 6.57 -19.08 -2.20
N LYS C 57 7.01 -19.53 -3.38
CA LYS C 57 8.08 -20.51 -3.44
C LYS C 57 9.32 -19.94 -2.79
N LEU C 58 9.57 -18.67 -3.06
CA LEU C 58 10.70 -18.03 -2.46
C LEU C 58 10.55 -18.06 -0.94
N ILE C 59 9.50 -17.43 -0.43
CA ILE C 59 9.27 -17.37 1.02
C ILE C 59 9.27 -18.76 1.66
N GLU C 60 8.70 -19.76 0.99
CA GLU C 60 8.67 -21.11 1.57
C GLU C 60 10.00 -21.83 1.38
N GLY C 61 10.53 -21.84 0.16
CA GLY C 61 11.76 -22.57 -0.13
C GLY C 61 13.01 -21.69 -0.12
N ASP C 62 12.87 -20.41 0.20
CA ASP C 62 14.04 -19.51 0.21
C ASP C 62 15.02 -19.90 1.31
N ALA C 63 14.79 -19.34 2.49
CA ALA C 63 15.68 -19.54 3.62
C ALA C 63 16.38 -20.89 3.54
N GLY C 64 17.66 -20.85 3.18
CA GLY C 64 18.44 -22.07 3.08
C GLY C 64 18.42 -22.79 4.42
N GLU C 65 18.78 -22.08 5.48
CA GLU C 65 18.78 -22.67 6.81
C GLU C 65 17.45 -22.42 7.53
N GLY C 66 17.05 -23.42 8.31
CA GLY C 66 15.83 -23.39 9.12
C GLY C 66 14.84 -22.25 8.79
N LYS C 67 14.80 -21.27 9.70
CA LYS C 67 13.83 -20.16 9.67
C LYS C 67 13.12 -19.96 8.33
N MET C 68 11.84 -19.60 8.40
CA MET C 68 10.99 -19.38 7.21
C MET C 68 10.85 -17.88 6.88
N LYS C 69 11.01 -17.04 7.92
CA LYS C 69 10.89 -15.57 7.82
C LYS C 69 10.97 -15.04 6.36
N VAL C 70 11.88 -14.09 6.11
CA VAL C 70 12.08 -13.52 4.78
C VAL C 70 13.53 -13.05 4.69
N SER C 71 13.89 -12.41 3.60
CA SER C 71 15.24 -11.89 3.45
C SER C 71 15.18 -10.46 2.94
N LEU C 72 16.27 -9.72 3.08
CA LEU C 72 16.28 -8.34 2.63
C LEU C 72 15.68 -8.29 1.23
N VAL C 73 16.15 -9.19 0.39
CA VAL C 73 15.71 -9.29 -1.00
C VAL C 73 14.21 -9.57 -1.12
N LEU C 74 13.72 -10.54 -0.36
CA LEU C 74 12.30 -10.93 -0.44
C LEU C 74 11.39 -9.80 0.00
N VAL C 75 11.81 -9.11 1.03
CA VAL C 75 11.00 -8.02 1.55
C VAL C 75 10.77 -7.01 0.43
N HIS C 76 11.83 -6.67 -0.28
CA HIS C 76 11.71 -5.72 -1.38
C HIS C 76 10.69 -6.22 -2.40
N ALA C 77 10.77 -7.50 -2.76
CA ALA C 77 9.83 -8.08 -3.72
C ALA C 77 8.41 -8.06 -3.16
N GLN C 78 8.29 -8.38 -1.88
CA GLN C 78 6.98 -8.40 -1.23
C GLN C 78 6.37 -7.00 -1.26
N LEU C 79 7.22 -5.99 -1.04
CA LEU C 79 6.75 -4.61 -1.02
C LEU C 79 6.08 -4.26 -2.35
N HIS C 80 6.74 -4.60 -3.45
CA HIS C 80 6.17 -4.30 -4.76
C HIS C 80 4.90 -5.12 -5.00
N LEU C 81 4.97 -6.42 -4.71
CA LEU C 81 3.83 -7.31 -4.92
C LEU C 81 2.64 -6.91 -4.03
N MET C 82 2.92 -6.63 -2.75
CA MET C 82 1.86 -6.25 -1.82
C MET C 82 1.20 -4.96 -2.27
N THR C 83 2.03 -4.00 -2.68
CA THR C 83 1.52 -2.71 -3.15
C THR C 83 0.68 -2.90 -4.41
N SER C 84 1.21 -3.66 -5.35
CA SER C 84 0.52 -3.90 -6.61
C SER C 84 -0.80 -4.62 -6.38
N MET C 85 -0.78 -5.70 -5.59
CA MET C 85 -2.00 -6.46 -5.33
C MET C 85 -3.05 -5.58 -4.69
N LEU C 86 -2.64 -4.82 -3.69
CA LEU C 86 -3.57 -3.93 -3.00
C LEU C 86 -4.13 -2.89 -3.95
N ALA C 87 -3.23 -2.30 -4.74
CA ALA C 87 -3.63 -1.28 -5.71
C ALA C 87 -4.67 -1.86 -6.65
N ARG C 88 -4.36 -3.03 -7.18
CA ARG C 88 -5.24 -3.70 -8.11
C ARG C 88 -6.59 -4.00 -7.47
N GLU C 89 -6.60 -4.51 -6.23
CA GLU C 89 -7.87 -4.82 -5.56
C GLU C 89 -8.70 -3.54 -5.38
N LEU C 90 -8.06 -2.47 -4.93
CA LEU C 90 -8.76 -1.21 -4.72
C LEU C 90 -9.25 -0.64 -6.04
N ILE C 91 -8.41 -0.74 -7.07
CA ILE C 91 -8.78 -0.28 -8.40
C ILE C 91 -10.01 -1.04 -8.88
N THR C 92 -10.06 -2.34 -8.59
CA THR C 92 -11.22 -3.15 -8.95
C THR C 92 -12.47 -2.55 -8.32
N GLU C 93 -12.37 -2.19 -7.04
CA GLU C 93 -13.50 -1.59 -6.33
C GLU C 93 -13.88 -0.27 -7.00
N LEU C 94 -12.87 0.52 -7.36
CA LEU C 94 -13.11 1.81 -8.00
C LEU C 94 -13.86 1.61 -9.32
N ILE C 95 -13.45 0.61 -10.09
CA ILE C 95 -14.10 0.32 -11.36
C ILE C 95 -15.57 -0.06 -11.15
N GLU C 96 -15.83 -0.89 -10.14
CA GLU C 96 -17.21 -1.28 -9.83
C GLU C 96 -18.05 -0.05 -9.55
N LEU C 97 -17.48 0.93 -8.86
CA LEU C 97 -18.20 2.17 -8.56
C LEU C 97 -18.57 2.90 -9.85
N HIS C 98 -17.65 2.92 -10.80
CA HIS C 98 -17.91 3.57 -12.09
C HIS C 98 -19.12 2.92 -12.74
N GLU C 99 -19.22 1.60 -12.63
CA GLU C 99 -20.35 0.88 -13.21
C GLU C 99 -21.65 1.30 -12.53
N LYS C 100 -21.61 1.42 -11.20
CA LYS C 100 -22.79 1.85 -10.47
C LYS C 100 -23.15 3.29 -10.83
N LEU C 101 -22.13 4.09 -11.14
CA LEU C 101 -22.31 5.51 -11.51
C LEU C 101 -22.86 5.69 -12.94
N LYS C 102 -23.34 4.60 -13.58
CA LYS C 102 -23.88 4.65 -14.96
C LYS C 102 -22.76 4.43 -15.99
N ALA C 103 -22.40 5.48 -16.75
CA ALA C 103 -21.37 5.39 -17.79
C ALA C 103 -21.22 3.95 -18.28
#